data_4EF9
#
_entry.id   4EF9
#
_cell.length_a   143.910
_cell.length_b   143.910
_cell.length_c   69.621
_cell.angle_alpha   90.00
_cell.angle_beta   90.00
_cell.angle_gamma   120.00
#
_symmetry.space_group_name_H-M   'P 61'
#
loop_
_entity.id
_entity.type
_entity.pdbx_description
1 polymer 'Dihydroorotate dehydrogenase'
2 non-polymer N-(4-nitrophenyl)thioformamide
3 non-polymer 'FLAVIN MONONUCLEOTIDE'
4 non-polymer 'SULFATE ION'
5 non-polymer GLYCEROL
6 water water
#
_entity_poly.entity_id   1
_entity_poly.type   'polypeptide(L)'
_entity_poly.pdbx_seq_one_letter_code
;MGSSHHHHHHSSGLVPAGSHMASMTGGQQMGRGSMSLQVNLLNNTFANPFMNAAGVMCTTTEELVAMTESASGSLVSKSC
TPALREGNPTPRYQALPLGSINSMGLPNNGFDFYLAYAAEQHDYGKKPLFLSMSGLSMRENVEMCKRLAAVATEKGVILE
LNLSCPNVPGKPQVAYDFDAMRQCLTAVSEVYPHSFGVKMPPYFDFAHFDAAAEILNEFPKVQFITCINSIGNGLVIDAE
TESVVIKPKQGFGGLGGRYVLPTALANINAFYRRCPGKLIFGCGGVYTGEDAFLHVLAGASMVQVGTALQEEGPSIFERL
TSELLGVMAKKRYQTLDEFRGKVRTLDGTAESTR
;
_entity_poly.pdbx_strand_id   A,B
#
# COMPACT_ATOMS: atom_id res chain seq x y z
N SER A 34 -10.73 -12.02 -36.18
CA SER A 34 -9.28 -11.74 -36.34
C SER A 34 -8.58 -11.68 -34.98
N MET A 35 -9.32 -11.86 -33.90
CA MET A 35 -8.75 -11.66 -32.55
C MET A 35 -8.78 -12.93 -31.70
N SER A 36 -7.97 -12.94 -30.65
CA SER A 36 -7.93 -14.09 -29.74
C SER A 36 -7.42 -13.68 -28.38
N LEU A 37 -8.10 -14.15 -27.34
CA LEU A 37 -7.64 -13.96 -25.97
C LEU A 37 -6.87 -15.17 -25.47
N GLN A 38 -6.58 -16.13 -26.36
CA GLN A 38 -5.88 -17.35 -25.96
C GLN A 38 -4.52 -17.09 -25.29
N VAL A 39 -4.27 -17.84 -24.22
CA VAL A 39 -3.00 -17.82 -23.50
C VAL A 39 -2.46 -19.25 -23.44
N ASN A 40 -1.18 -19.41 -23.75
CA ASN A 40 -0.51 -20.71 -23.68
C ASN A 40 0.65 -20.68 -22.71
N LEU A 41 0.53 -21.43 -21.62
CA LEU A 41 1.57 -21.46 -20.60
C LEU A 41 1.42 -22.68 -19.71
N LEU A 42 2.52 -23.05 -19.04
CA LEU A 42 2.55 -24.20 -18.12
C LEU A 42 2.03 -25.47 -18.78
N ASN A 43 2.36 -25.66 -20.05
CA ASN A 43 1.93 -26.84 -20.80
C ASN A 43 0.41 -26.94 -20.93
N ASN A 44 -0.27 -25.79 -20.85
CA ASN A 44 -1.72 -25.72 -20.97
C ASN A 44 -2.16 -24.64 -21.94
N THR A 45 -3.39 -24.75 -22.41
CA THR A 45 -4.00 -23.72 -23.24
C THR A 45 -5.20 -23.14 -22.48
N PHE A 46 -5.30 -21.81 -22.48
CA PHE A 46 -6.37 -21.12 -21.79
C PHE A 46 -7.16 -20.32 -22.82
N ALA A 47 -8.48 -20.37 -22.73
CA ALA A 47 -9.34 -19.66 -23.69
C ALA A 47 -9.18 -18.14 -23.58
N ASN A 48 -8.86 -17.68 -22.38
CA ASN A 48 -8.67 -16.26 -22.10
C ASN A 48 -7.89 -16.16 -20.79
N PRO A 49 -7.38 -14.95 -20.46
CA PRO A 49 -6.49 -14.86 -19.30
C PRO A 49 -7.21 -14.75 -17.95
N PHE A 50 -8.53 -14.68 -17.96
CA PHE A 50 -9.26 -14.42 -16.71
C PHE A 50 -9.49 -15.63 -15.82
N MET A 51 -9.35 -15.38 -14.52
CA MET A 51 -9.70 -16.40 -13.53
C MET A 51 -10.10 -15.67 -12.26
N ASN A 52 -10.68 -16.38 -11.30
CA ASN A 52 -10.94 -15.77 -10.00
C ASN A 52 -9.63 -15.56 -9.24
N ALA A 53 -9.65 -14.63 -8.30
CA ALA A 53 -8.56 -14.52 -7.33
C ALA A 53 -8.83 -15.57 -6.26
N ALA A 54 -7.76 -16.17 -5.74
CA ALA A 54 -7.92 -17.16 -4.69
C ALA A 54 -8.71 -16.53 -3.55
N GLY A 55 -9.59 -17.32 -2.96
CA GLY A 55 -10.42 -16.80 -1.87
C GLY A 55 -11.77 -16.25 -2.28
N VAL A 56 -11.92 -15.85 -3.54
CA VAL A 56 -13.20 -15.31 -4.00
C VAL A 56 -13.95 -16.34 -4.86
N MET A 57 -15.18 -16.62 -4.43
CA MET A 57 -16.09 -17.55 -5.09
C MET A 57 -15.44 -18.88 -5.49
N CYS A 58 -14.80 -19.54 -4.52
CA CYS A 58 -14.07 -20.76 -4.84
C CYS A 58 -13.87 -21.66 -3.62
N THR A 59 -14.74 -21.51 -2.63
CA THR A 59 -14.61 -22.28 -1.40
C THR A 59 -15.45 -23.56 -1.40
N THR A 60 -16.68 -23.49 -1.91
CA THR A 60 -17.60 -24.62 -1.90
C THR A 60 -17.63 -25.36 -3.23
N THR A 61 -18.19 -26.57 -3.22
CA THR A 61 -18.37 -27.32 -4.45
C THR A 61 -19.16 -26.51 -5.47
N GLU A 62 -20.24 -25.89 -5.02
CA GLU A 62 -21.12 -25.09 -5.87
C GLU A 62 -20.35 -23.94 -6.53
N GLU A 63 -19.48 -23.31 -5.76
CA GLU A 63 -18.68 -22.21 -6.27
C GLU A 63 -17.67 -22.69 -7.30
N LEU A 64 -16.99 -23.80 -6.99
CA LEU A 64 -16.01 -24.34 -7.94
C LEU A 64 -16.68 -24.78 -9.24
N VAL A 65 -17.85 -25.41 -9.14
CA VAL A 65 -18.59 -25.76 -10.34
C VAL A 65 -19.01 -24.52 -11.13
N ALA A 66 -19.50 -23.49 -10.44
CA ALA A 66 -19.91 -22.24 -11.08
C ALA A 66 -18.74 -21.56 -11.79
N MET A 67 -17.56 -21.59 -11.18
CA MET A 67 -16.37 -21.05 -11.85
C MET A 67 -16.00 -21.85 -13.09
N THR A 68 -16.13 -23.17 -12.99
CA THR A 68 -15.81 -24.03 -14.13
C THR A 68 -16.80 -23.80 -15.27
N GLU A 69 -18.06 -23.58 -14.93
CA GLU A 69 -19.09 -23.33 -15.94
C GLU A 69 -19.07 -21.91 -16.51
N SER A 70 -18.32 -21.01 -15.87
CA SER A 70 -18.25 -19.60 -16.30
C SER A 70 -17.41 -19.44 -17.56
N ALA A 71 -17.37 -18.21 -18.05
CA ALA A 71 -16.56 -17.87 -19.21
C ALA A 71 -15.07 -17.68 -18.87
N SER A 72 -14.70 -17.84 -17.60
CA SER A 72 -13.30 -17.67 -17.24
C SER A 72 -12.37 -18.64 -17.95
N GLY A 73 -11.12 -18.23 -18.15
CA GLY A 73 -10.11 -19.10 -18.74
C GLY A 73 -9.60 -20.16 -17.77
N SER A 74 -9.63 -19.85 -16.48
CA SER A 74 -9.23 -20.82 -15.45
C SER A 74 -9.91 -20.48 -14.14
N LEU A 75 -9.50 -21.18 -13.09
CA LEU A 75 -10.02 -20.94 -11.74
C LEU A 75 -8.97 -21.45 -10.75
N VAL A 76 -9.03 -20.94 -9.53
CA VAL A 76 -8.13 -21.38 -8.45
C VAL A 76 -9.01 -21.64 -7.23
N SER A 77 -8.73 -22.73 -6.52
CA SER A 77 -9.52 -23.05 -5.33
C SER A 77 -9.07 -22.22 -4.12
N LYS A 78 -9.98 -22.02 -3.16
CA LYS A 78 -9.69 -21.28 -1.94
C LYS A 78 -8.42 -21.76 -1.24
N SER A 79 -7.57 -20.82 -0.83
CA SER A 79 -6.34 -21.18 -0.11
C SER A 79 -6.67 -22.13 1.03
N CYS A 80 -5.99 -23.26 1.07
CA CYS A 80 -6.38 -24.30 2.02
C CYS A 80 -5.37 -24.55 3.13
N THR A 81 -5.88 -25.07 4.24
CA THR A 81 -5.06 -25.51 5.36
C THR A 81 -5.30 -27.01 5.47
N PRO A 82 -4.45 -27.74 6.22
CA PRO A 82 -4.58 -29.20 6.29
C PRO A 82 -5.96 -29.66 6.73
N ALA A 83 -6.55 -28.94 7.68
CA ALA A 83 -7.92 -29.24 8.11
C ALA A 83 -8.86 -28.09 7.85
N LEU A 84 -10.16 -28.40 7.86
CA LEU A 84 -11.17 -27.37 7.70
C LEU A 84 -11.00 -26.28 8.76
N ARG A 85 -11.34 -25.06 8.37
CA ARG A 85 -11.13 -23.90 9.20
C ARG A 85 -12.35 -22.97 9.11
N GLU A 86 -12.87 -22.51 10.24
CA GLU A 86 -14.05 -21.65 10.22
C GLU A 86 -13.71 -20.21 9.80
N GLY A 87 -12.48 -19.79 10.10
CA GLY A 87 -12.05 -18.43 9.81
C GLY A 87 -12.44 -17.47 10.92
N ASN A 88 -12.24 -16.18 10.67
CA ASN A 88 -12.42 -15.15 11.67
C ASN A 88 -13.89 -14.81 11.93
N PRO A 89 -14.16 -14.14 13.07
CA PRO A 89 -15.51 -13.69 13.40
C PRO A 89 -16.07 -12.69 12.38
N THR A 90 -17.40 -12.67 12.23
CA THR A 90 -18.06 -11.77 11.29
C THR A 90 -18.58 -10.54 12.03
N PRO A 91 -18.74 -9.41 11.32
CA PRO A 91 -18.45 -9.19 9.91
C PRO A 91 -16.95 -9.21 9.60
N ARG A 92 -16.57 -9.84 8.50
CA ARG A 92 -15.16 -9.96 8.15
C ARG A 92 -14.88 -9.52 6.71
N TYR A 93 -15.91 -9.03 6.03
CA TYR A 93 -15.75 -8.48 4.67
C TYR A 93 -16.70 -7.30 4.53
N GLN A 94 -16.22 -6.23 3.89
CA GLN A 94 -17.07 -5.08 3.60
C GLN A 94 -16.73 -4.52 2.22
N ALA A 95 -17.74 -4.45 1.36
CA ALA A 95 -17.61 -3.78 0.07
C ALA A 95 -17.62 -2.28 0.31
N LEU A 96 -16.81 -1.57 -0.48
CA LEU A 96 -16.64 -0.13 -0.35
C LEU A 96 -16.74 0.57 -1.70
N PRO A 97 -16.99 1.89 -1.69
CA PRO A 97 -17.06 2.59 -2.96
C PRO A 97 -15.80 2.40 -3.82
N LEU A 98 -14.64 2.35 -3.17
CA LEU A 98 -13.38 2.18 -3.91
C LEU A 98 -12.77 0.79 -3.82
N GLY A 99 -13.50 -0.19 -3.31
CA GLY A 99 -12.96 -1.54 -3.31
C GLY A 99 -13.57 -2.42 -2.24
N SER A 100 -12.71 -2.96 -1.38
CA SER A 100 -13.16 -3.82 -0.29
C SER A 100 -12.11 -3.89 0.81
N ILE A 101 -12.57 -4.26 2.00
CA ILE A 101 -11.64 -4.58 3.09
C ILE A 101 -12.08 -5.92 3.68
N ASN A 102 -11.11 -6.78 4.00
CA ASN A 102 -11.50 -8.06 4.60
C ASN A 102 -10.48 -8.60 5.57
N SER A 103 -10.97 -9.42 6.49
CA SER A 103 -10.09 -10.22 7.31
C SER A 103 -10.75 -11.59 7.44
N MET A 104 -10.85 -12.30 6.32
CA MET A 104 -11.52 -13.61 6.31
C MET A 104 -10.92 -14.60 7.31
N GLY A 105 -9.60 -14.69 7.35
CA GLY A 105 -8.94 -15.63 8.27
C GLY A 105 -8.87 -17.07 7.75
N LEU A 106 -8.74 -17.21 6.43
CA LEU A 106 -8.62 -18.53 5.80
C LEU A 106 -9.76 -19.50 6.12
N PRO A 107 -11.01 -19.04 6.02
CA PRO A 107 -12.10 -20.02 6.12
C PRO A 107 -12.03 -20.95 4.91
N ASN A 108 -11.92 -22.26 5.14
CA ASN A 108 -11.81 -23.17 4.00
C ASN A 108 -12.22 -24.57 4.42
N ASN A 109 -12.53 -25.40 3.42
CA ASN A 109 -12.99 -26.75 3.70
C ASN A 109 -11.89 -27.75 4.00
N GLY A 110 -10.64 -27.32 3.99
CA GLY A 110 -9.52 -28.23 4.27
C GLY A 110 -8.92 -28.83 3.00
N PHE A 111 -7.64 -29.18 3.07
CA PHE A 111 -6.91 -29.72 1.94
C PHE A 111 -7.55 -30.95 1.30
N ASP A 112 -8.05 -31.88 2.12
CA ASP A 112 -8.65 -33.09 1.54
C ASP A 112 -9.76 -32.76 0.56
N PHE A 113 -10.56 -31.76 0.90
CA PHE A 113 -11.69 -31.35 0.08
C PHE A 113 -11.22 -30.83 -1.28
N TYR A 114 -10.25 -29.92 -1.26
CA TYR A 114 -9.76 -29.36 -2.51
C TYR A 114 -8.97 -30.37 -3.35
N LEU A 115 -8.27 -31.28 -2.67
CA LEU A 115 -7.56 -32.34 -3.37
C LEU A 115 -8.55 -33.27 -4.05
N ALA A 116 -9.64 -33.62 -3.37
CA ALA A 116 -10.69 -34.46 -3.93
C ALA A 116 -11.38 -33.80 -5.13
N TYR A 117 -11.60 -32.49 -5.05
CA TYR A 117 -12.15 -31.77 -6.21
C TYR A 117 -11.21 -31.89 -7.40
N ALA A 118 -9.92 -31.62 -7.18
CA ALA A 118 -8.93 -31.71 -8.25
C ALA A 118 -8.77 -33.13 -8.81
N ALA A 119 -8.85 -34.12 -7.93
CA ALA A 119 -8.59 -35.50 -8.33
C ALA A 119 -9.79 -36.18 -8.99
N GLU A 120 -10.99 -35.87 -8.54
CA GLU A 120 -12.15 -36.66 -8.95
C GLU A 120 -13.28 -35.88 -9.62
N GLN A 121 -13.38 -34.58 -9.39
CA GLN A 121 -14.56 -33.84 -9.83
C GLN A 121 -14.31 -32.81 -10.94
N HIS A 122 -13.16 -32.15 -10.92
CA HIS A 122 -12.96 -31.08 -11.89
C HIS A 122 -12.93 -31.57 -13.30
N ASP A 123 -13.63 -30.85 -14.19
CA ASP A 123 -13.61 -31.19 -15.61
C ASP A 123 -12.47 -30.47 -16.33
N TYR A 124 -11.34 -31.14 -16.45
CA TYR A 124 -10.16 -30.56 -17.09
C TYR A 124 -10.41 -30.32 -18.58
N GLY A 125 -11.45 -30.96 -19.11
CA GLY A 125 -11.85 -30.72 -20.49
C GLY A 125 -12.41 -29.33 -20.68
N LYS A 126 -12.91 -28.71 -19.61
CA LYS A 126 -13.46 -27.37 -19.68
C LYS A 126 -12.38 -26.29 -19.49
N LYS A 127 -11.48 -26.48 -18.53
CA LYS A 127 -10.40 -25.50 -18.32
C LYS A 127 -9.39 -26.02 -17.31
N PRO A 128 -8.17 -25.47 -17.31
CA PRO A 128 -7.19 -25.90 -16.30
C PRO A 128 -7.57 -25.41 -14.91
N LEU A 129 -7.03 -26.09 -13.89
CA LEU A 129 -7.33 -25.80 -12.50
C LEU A 129 -6.05 -25.54 -11.70
N PHE A 130 -6.09 -24.47 -10.91
CA PHE A 130 -5.05 -24.17 -9.93
C PHE A 130 -5.60 -24.47 -8.54
N LEU A 131 -4.73 -24.94 -7.65
CA LEU A 131 -5.10 -25.17 -6.26
C LEU A 131 -4.24 -24.28 -5.38
N SER A 132 -4.86 -23.41 -4.58
CA SER A 132 -4.11 -22.53 -3.69
C SER A 132 -3.90 -23.17 -2.32
N MET A 133 -2.66 -23.08 -1.85
CA MET A 133 -2.29 -23.70 -0.59
C MET A 133 -1.76 -22.65 0.38
N SER A 134 -2.27 -22.66 1.62
CA SER A 134 -1.81 -21.71 2.61
C SER A 134 -1.66 -22.35 4.00
N GLY A 135 -0.77 -23.33 4.11
CA GLY A 135 -0.47 -23.93 5.41
C GLY A 135 0.02 -22.87 6.38
N LEU A 136 -0.17 -23.12 7.67
CA LEU A 136 0.17 -22.13 8.69
C LEU A 136 1.56 -22.39 9.27
N SER A 137 2.28 -23.34 8.67
CA SER A 137 3.68 -23.59 9.00
C SER A 137 4.37 -24.26 7.82
N MET A 138 5.70 -24.33 7.88
N MET A 138 5.70 -24.31 7.85
CA MET A 138 6.49 -25.04 6.87
CA MET A 138 6.44 -25.04 6.82
C MET A 138 6.05 -26.49 6.77
C MET A 138 6.01 -26.50 6.76
N ARG A 139 5.94 -27.14 7.92
CA ARG A 139 5.55 -28.54 8.00
C ARG A 139 4.20 -28.79 7.33
N GLU A 140 3.24 -27.89 7.56
CA GLU A 140 1.91 -28.06 6.99
C GLU A 140 1.96 -28.04 5.45
N ASN A 141 2.69 -27.08 4.90
CA ASN A 141 2.85 -27.03 3.46
C ASN A 141 3.61 -28.23 2.90
N VAL A 142 4.67 -28.65 3.58
CA VAL A 142 5.42 -29.83 3.16
C VAL A 142 4.53 -31.07 3.09
N GLU A 143 3.71 -31.28 4.10
CA GLU A 143 2.84 -32.45 4.16
C GLU A 143 1.75 -32.42 3.10
N MET A 144 1.16 -31.25 2.85
CA MET A 144 0.16 -31.14 1.80
C MET A 144 0.77 -31.34 0.42
N CYS A 145 1.93 -30.73 0.19
CA CYS A 145 2.61 -30.87 -1.10
C CYS A 145 2.95 -32.33 -1.43
N LYS A 146 3.38 -33.08 -0.41
CA LYS A 146 3.68 -34.49 -0.63
C LYS A 146 2.47 -35.27 -1.14
N ARG A 147 1.28 -34.92 -0.67
CA ARG A 147 0.06 -35.58 -1.15
C ARG A 147 -0.43 -35.02 -2.48
N LEU A 148 -0.23 -33.72 -2.69
CA LEU A 148 -0.64 -33.09 -3.94
C LEU A 148 0.09 -33.63 -5.16
N ALA A 149 1.35 -34.01 -4.96
CA ALA A 149 2.24 -34.44 -6.04
C ALA A 149 1.60 -35.42 -7.02
N ALA A 150 1.01 -36.48 -6.48
CA ALA A 150 0.40 -37.52 -7.32
C ALA A 150 -0.80 -37.03 -8.11
N VAL A 151 -1.59 -36.13 -7.53
CA VAL A 151 -2.77 -35.61 -8.23
C VAL A 151 -2.33 -34.65 -9.34
N ALA A 152 -1.31 -33.85 -9.09
CA ALA A 152 -0.75 -32.99 -10.13
C ALA A 152 -0.20 -33.83 -11.28
N THR A 153 0.50 -34.90 -10.94
CA THR A 153 1.03 -35.80 -11.96
C THR A 153 -0.08 -36.42 -12.80
N GLU A 154 -1.11 -36.94 -12.15
CA GLU A 154 -2.16 -37.69 -12.83
C GLU A 154 -3.22 -36.82 -13.51
N LYS A 155 -3.54 -35.68 -12.90
CA LYS A 155 -4.68 -34.88 -13.36
C LYS A 155 -4.30 -33.52 -13.93
N GLY A 156 -3.16 -32.98 -13.50
CA GLY A 156 -2.67 -31.72 -14.06
C GLY A 156 -3.00 -30.46 -13.28
N VAL A 157 -3.58 -30.62 -12.08
CA VAL A 157 -3.79 -29.45 -11.23
C VAL A 157 -2.45 -28.75 -10.96
N ILE A 158 -2.49 -27.42 -10.89
CA ILE A 158 -1.28 -26.61 -10.72
C ILE A 158 -1.31 -25.89 -9.38
N LEU A 159 -0.23 -26.02 -8.60
CA LEU A 159 -0.13 -25.37 -7.29
C LEU A 159 0.15 -23.87 -7.36
N GLU A 160 -0.63 -23.08 -6.62
CA GLU A 160 -0.32 -21.67 -6.34
C GLU A 160 -0.09 -21.60 -4.83
N LEU A 161 1.18 -21.44 -4.42
CA LEU A 161 1.53 -21.43 -3.01
C LEU A 161 1.37 -20.02 -2.45
N ASN A 162 0.51 -19.87 -1.44
CA ASN A 162 0.21 -18.57 -0.86
C ASN A 162 1.21 -18.17 0.22
N LEU A 163 2.09 -17.22 -0.10
CA LEU A 163 3.07 -16.74 0.86
C LEU A 163 2.68 -15.39 1.45
N SER A 164 1.41 -14.99 1.35
CA SER A 164 1.03 -13.59 1.66
C SER A 164 -0.19 -13.21 2.49
N CYS A 165 -0.84 -14.11 3.22
CA CYS A 165 -2.22 -13.95 3.69
C CYS A 165 -1.97 -12.92 4.81
N PRO A 166 -2.72 -11.81 4.79
CA PRO A 166 -2.48 -10.79 5.80
C PRO A 166 -3.52 -10.75 6.93
N ASN A 167 -4.27 -11.82 7.11
CA ASN A 167 -5.43 -11.81 8.01
C ASN A 167 -5.51 -12.85 9.12
N VAL A 168 -4.46 -13.66 9.25
CA VAL A 168 -4.42 -14.63 10.34
C VAL A 168 -3.83 -13.94 11.57
N PRO A 169 -4.61 -13.81 12.66
CA PRO A 169 -4.09 -13.09 13.81
C PRO A 169 -2.80 -13.71 14.34
N GLY A 170 -1.81 -12.86 14.58
CA GLY A 170 -0.53 -13.29 15.15
C GLY A 170 0.46 -13.90 14.18
N LYS A 171 0.08 -14.02 12.91
CA LYS A 171 0.97 -14.60 11.90
C LYS A 171 1.22 -13.65 10.73
N PRO A 172 2.34 -12.93 10.75
CA PRO A 172 2.66 -11.98 9.69
C PRO A 172 2.86 -12.62 8.30
N GLN A 173 2.77 -11.80 7.26
CA GLN A 173 3.03 -12.26 5.90
C GLN A 173 4.40 -12.95 5.78
N VAL A 174 4.41 -14.22 5.39
CA VAL A 174 5.67 -14.96 5.21
C VAL A 174 6.60 -14.25 4.23
N ALA A 175 6.05 -13.70 3.15
CA ALA A 175 6.88 -13.05 2.14
C ALA A 175 7.42 -11.69 2.58
N TYR A 176 7.05 -11.25 3.78
CA TYR A 176 7.67 -10.04 4.34
C TYR A 176 8.85 -10.39 5.26
N ASP A 177 9.13 -11.69 5.34
CA ASP A 177 10.29 -12.19 6.07
C ASP A 177 11.10 -12.99 5.04
N PHE A 178 12.13 -12.36 4.47
CA PHE A 178 12.85 -13.00 3.37
C PHE A 178 13.49 -14.34 3.75
N ASP A 179 13.92 -14.48 5.00
N ASP A 179 13.90 -14.46 5.02
CA ASP A 179 14.48 -15.76 5.43
CA ASP A 179 14.47 -15.71 5.50
C ASP A 179 13.41 -16.85 5.51
C ASP A 179 13.42 -16.81 5.52
N ALA A 180 12.24 -16.49 6.04
CA ALA A 180 11.12 -17.44 6.08
C ALA A 180 10.71 -17.81 4.67
N MET A 181 10.71 -16.84 3.76
CA MET A 181 10.33 -17.11 2.38
C MET A 181 11.31 -18.09 1.72
N ARG A 182 12.61 -17.85 1.89
CA ARG A 182 13.60 -18.75 1.31
C ARG A 182 13.44 -20.16 1.88
N GLN A 183 13.24 -20.26 3.18
CA GLN A 183 13.17 -21.58 3.81
C GLN A 183 11.90 -22.34 3.40
N CYS A 184 10.63 -21.64 3.19
CA CYS A 184 9.42 -22.20 2.71
C CYS A 184 9.63 -22.73 1.32
N LEU A 185 10.34 -21.88 0.42
CA LEU A 185 10.50 -22.29 -1.00
C LEU A 185 11.49 -23.46 -1.11
N THR A 186 12.49 -23.49 -0.25
CA THR A 186 13.44 -24.59 -0.23
C THR A 186 12.74 -25.90 0.14
N ALA A 187 11.89 -25.84 1.17
CA ALA A 187 11.15 -27.02 1.62
C ALA A 187 10.20 -27.55 0.57
N VAL A 188 9.40 -26.65 0.00
CA VAL A 188 8.45 -27.07 -1.03
C VAL A 188 9.19 -27.62 -2.25
N SER A 189 10.26 -26.92 -2.66
CA SER A 189 11.04 -27.41 -3.80
C SER A 189 11.65 -28.78 -3.54
N GLU A 190 12.00 -29.04 -2.29
CA GLU A 190 12.65 -30.31 -1.95
C GLU A 190 11.69 -31.48 -2.04
N VAL A 191 10.42 -31.26 -1.69
CA VAL A 191 9.45 -32.35 -1.61
C VAL A 191 8.41 -32.39 -2.73
N TYR A 192 8.30 -31.33 -3.52
CA TYR A 192 7.26 -31.24 -4.54
C TYR A 192 7.87 -31.33 -5.94
N PRO A 193 7.58 -32.42 -6.67
CA PRO A 193 8.27 -32.71 -7.93
C PRO A 193 7.64 -32.07 -9.16
N HIS A 194 7.16 -30.83 -9.03
CA HIS A 194 6.54 -30.13 -10.15
C HIS A 194 6.82 -28.66 -10.09
N SER A 195 6.58 -27.97 -11.20
CA SER A 195 6.62 -26.52 -11.22
C SER A 195 5.44 -26.04 -10.38
N PHE A 196 5.55 -24.83 -9.84
CA PHE A 196 4.44 -24.24 -9.09
C PHE A 196 4.57 -22.72 -9.16
N GLY A 197 3.61 -22.03 -8.58
CA GLY A 197 3.67 -20.57 -8.54
C GLY A 197 3.55 -20.08 -7.11
N VAL A 198 3.81 -18.80 -6.90
N VAL A 198 3.78 -18.80 -6.92
CA VAL A 198 3.70 -18.21 -5.57
CA VAL A 198 3.69 -18.21 -5.59
C VAL A 198 2.86 -16.94 -5.62
C VAL A 198 2.84 -16.95 -5.62
N LYS A 199 1.92 -16.83 -4.67
CA LYS A 199 1.08 -15.64 -4.53
C LYS A 199 1.79 -14.70 -3.56
N MET A 200 2.10 -13.50 -4.04
CA MET A 200 2.94 -12.57 -3.30
C MET A 200 2.18 -11.39 -2.74
N PRO A 201 2.62 -10.89 -1.57
CA PRO A 201 2.09 -9.61 -1.08
C PRO A 201 2.76 -8.49 -1.86
N PRO A 202 2.18 -7.28 -1.81
CA PRO A 202 2.83 -6.17 -2.48
C PRO A 202 4.09 -5.69 -1.76
N TYR A 203 5.09 -5.27 -2.53
CA TYR A 203 6.23 -4.53 -2.00
C TYR A 203 6.16 -3.09 -2.47
N PHE A 204 6.94 -2.22 -1.82
CA PHE A 204 6.80 -0.78 -1.97
C PHE A 204 8.14 -0.07 -2.06
N ASP A 205 9.20 -0.84 -2.29
CA ASP A 205 10.56 -0.31 -2.28
C ASP A 205 11.37 -1.16 -3.26
N PHE A 206 12.18 -0.53 -4.10
CA PHE A 206 12.99 -1.27 -5.08
C PHE A 206 13.95 -2.25 -4.41
N ALA A 207 14.41 -1.93 -3.19
CA ALA A 207 15.31 -2.84 -2.47
C ALA A 207 14.59 -4.15 -2.17
N HIS A 208 13.29 -4.05 -1.88
CA HIS A 208 12.48 -5.23 -1.61
C HIS A 208 12.14 -5.98 -2.88
N PHE A 209 11.83 -5.26 -3.96
CA PHE A 209 11.61 -5.93 -5.25
C PHE A 209 12.87 -6.73 -5.60
N ASP A 210 14.03 -6.10 -5.44
CA ASP A 210 15.30 -6.79 -5.77
C ASP A 210 15.55 -8.01 -4.90
N ALA A 211 15.37 -7.87 -3.60
CA ALA A 211 15.58 -8.97 -2.65
C ALA A 211 14.64 -10.15 -2.90
N ALA A 212 13.35 -9.85 -3.08
CA ALA A 212 12.37 -10.90 -3.37
C ALA A 212 12.69 -11.60 -4.68
N ALA A 213 12.99 -10.83 -5.72
CA ALA A 213 13.28 -11.41 -7.03
C ALA A 213 14.52 -12.30 -6.98
N GLU A 214 15.53 -11.86 -6.25
CA GLU A 214 16.77 -12.62 -6.12
C GLU A 214 16.46 -14.00 -5.53
N ILE A 215 15.63 -14.02 -4.49
CA ILE A 215 15.23 -15.29 -3.87
C ILE A 215 14.41 -16.15 -4.83
N LEU A 216 13.39 -15.57 -5.46
CA LEU A 216 12.56 -16.32 -6.38
C LEU A 216 13.34 -16.93 -7.54
N ASN A 217 14.33 -16.17 -8.02
CA ASN A 217 15.18 -16.63 -9.13
C ASN A 217 16.10 -17.81 -8.76
N GLU A 218 16.26 -18.09 -7.47
CA GLU A 218 17.06 -19.24 -7.04
C GLU A 218 16.25 -20.53 -7.11
N PHE A 219 14.96 -20.43 -7.38
CA PHE A 219 14.09 -21.61 -7.41
C PHE A 219 13.49 -21.85 -8.79
N PRO A 220 14.12 -22.72 -9.60
CA PRO A 220 13.64 -22.96 -10.95
C PRO A 220 12.22 -23.55 -11.04
N LYS A 221 11.75 -24.21 -9.98
CA LYS A 221 10.39 -24.74 -9.97
C LYS A 221 9.31 -23.65 -9.86
N VAL A 222 9.70 -22.46 -9.38
CA VAL A 222 8.73 -21.36 -9.30
C VAL A 222 8.62 -20.79 -10.72
N GLN A 223 7.58 -21.19 -11.44
N GLN A 223 7.57 -21.19 -11.43
CA GLN A 223 7.43 -20.76 -12.83
CA GLN A 223 7.39 -20.81 -12.82
C GLN A 223 6.42 -19.63 -13.04
C GLN A 223 6.43 -19.64 -13.03
N PHE A 224 5.65 -19.31 -12.00
CA PHE A 224 4.81 -18.12 -12.06
C PHE A 224 4.76 -17.41 -10.71
N ILE A 225 4.53 -16.10 -10.77
CA ILE A 225 4.44 -15.27 -9.58
C ILE A 225 3.12 -14.50 -9.72
N THR A 226 2.26 -14.61 -8.71
CA THR A 226 1.00 -13.87 -8.75
C THR A 226 1.12 -12.62 -7.90
N CYS A 227 1.00 -11.46 -8.56
CA CYS A 227 1.12 -10.16 -7.92
C CYS A 227 -0.23 -9.46 -8.12
N ILE A 228 -1.01 -9.14 -7.09
CA ILE A 228 -0.65 -9.18 -5.67
C ILE A 228 -1.82 -9.70 -4.84
N ASN A 229 -1.49 -10.14 -3.63
CA ASN A 229 -2.48 -10.31 -2.58
C ASN A 229 -2.88 -8.89 -2.15
N SER A 230 -3.79 -8.79 -1.21
CA SER A 230 -4.28 -7.51 -0.72
C SER A 230 -3.18 -6.58 -0.23
N ILE A 231 -3.46 -5.28 -0.21
CA ILE A 231 -2.58 -4.37 0.52
C ILE A 231 -2.95 -4.57 1.99
N GLY A 232 -2.02 -5.09 2.77
CA GLY A 232 -2.34 -5.55 4.11
C GLY A 232 -2.66 -4.48 5.14
N ASN A 233 -3.56 -4.83 6.04
CA ASN A 233 -3.76 -4.06 7.26
C ASN A 233 -4.07 -2.59 7.06
N GLY A 234 -4.96 -2.33 6.11
CA GLY A 234 -5.60 -1.02 6.03
C GLY A 234 -6.65 -0.93 7.12
N LEU A 235 -7.16 0.28 7.36
CA LEU A 235 -8.19 0.47 8.38
C LEU A 235 -9.29 1.37 7.83
N VAL A 236 -10.45 0.79 7.56
CA VAL A 236 -11.58 1.56 7.07
C VAL A 236 -12.42 2.00 8.27
N ILE A 237 -12.70 3.30 8.32
CA ILE A 237 -13.54 3.87 9.39
C ILE A 237 -14.78 4.47 8.73
N ASP A 238 -15.96 4.12 9.25
CA ASP A 238 -17.22 4.66 8.77
C ASP A 238 -17.52 5.95 9.53
N ALA A 239 -17.53 7.08 8.84
CA ALA A 239 -17.74 8.36 9.52
C ALA A 239 -19.09 8.45 10.19
N GLU A 240 -20.09 7.76 9.63
CA GLU A 240 -21.45 7.81 10.18
C GLU A 240 -21.54 7.08 11.52
N THR A 241 -20.93 5.91 11.61
CA THR A 241 -20.98 5.12 12.84
C THR A 241 -19.80 5.37 13.77
N GLU A 242 -18.82 6.13 13.31
CA GLU A 242 -17.61 6.40 14.08
C GLU A 242 -16.95 5.11 14.55
N SER A 243 -16.96 4.12 13.65
CA SER A 243 -16.44 2.80 14.00
C SER A 243 -15.73 2.19 12.80
N VAL A 244 -14.96 1.15 13.10
CA VAL A 244 -14.40 0.30 12.06
C VAL A 244 -15.54 -0.52 11.44
N VAL A 245 -15.24 -1.26 10.36
CA VAL A 245 -16.31 -1.93 9.61
C VAL A 245 -16.20 -3.45 9.58
N ILE A 246 -15.09 -3.98 10.07
CA ILE A 246 -14.94 -5.44 10.22
C ILE A 246 -14.54 -5.73 11.67
N LYS A 247 -14.91 -6.93 12.12
CA LYS A 247 -14.68 -7.31 13.51
C LYS A 247 -13.26 -7.76 13.89
N PRO A 248 -12.62 -8.65 13.11
CA PRO A 248 -11.30 -9.13 13.50
C PRO A 248 -10.23 -8.04 13.60
N LYS A 249 -9.23 -8.26 14.44
CA LYS A 249 -8.03 -7.42 14.48
C LYS A 249 -8.31 -5.93 14.56
N GLN A 250 -9.28 -5.55 15.40
CA GLN A 250 -9.61 -4.15 15.65
C GLN A 250 -9.94 -3.38 14.38
N GLY A 251 -10.41 -4.09 13.36
CA GLY A 251 -10.87 -3.45 12.14
C GLY A 251 -9.82 -3.41 11.03
N PHE A 252 -8.60 -3.86 11.32
CA PHE A 252 -7.52 -3.87 10.33
C PHE A 252 -7.71 -5.03 9.37
N GLY A 253 -7.61 -4.78 8.07
CA GLY A 253 -7.87 -5.84 7.11
C GLY A 253 -7.24 -5.54 5.76
N GLY A 254 -7.21 -6.55 4.89
CA GLY A 254 -6.59 -6.38 3.56
C GLY A 254 -7.47 -5.59 2.63
N LEU A 255 -6.84 -4.67 1.90
CA LEU A 255 -7.55 -3.83 0.92
C LEU A 255 -7.51 -4.45 -0.46
N GLY A 256 -8.63 -4.41 -1.16
CA GLY A 256 -8.72 -4.85 -2.54
C GLY A 256 -9.49 -3.82 -3.37
N GLY A 257 -9.50 -3.99 -4.68
CA GLY A 257 -10.33 -3.15 -5.54
C GLY A 257 -9.61 -1.95 -6.10
N ARG A 258 -10.34 -0.86 -6.33
N ARG A 258 -10.32 -0.85 -6.33
CA ARG A 258 -9.77 0.34 -6.95
CA ARG A 258 -9.71 0.30 -7.00
C ARG A 258 -8.56 0.87 -6.18
C ARG A 258 -8.57 0.91 -6.18
N TYR A 259 -8.58 0.69 -4.86
CA TYR A 259 -7.46 1.15 -4.04
C TYR A 259 -6.10 0.62 -4.49
N VAL A 260 -6.07 -0.61 -5.01
CA VAL A 260 -4.82 -1.33 -5.17
C VAL A 260 -4.28 -1.40 -6.59
N LEU A 261 -4.97 -0.81 -7.56
CA LEU A 261 -4.53 -1.02 -8.94
C LEU A 261 -3.10 -0.54 -9.26
N PRO A 262 -2.73 0.70 -8.89
CA PRO A 262 -1.35 1.12 -9.18
C PRO A 262 -0.29 0.30 -8.43
N THR A 263 -0.62 -0.18 -7.23
CA THR A 263 0.30 -1.04 -6.50
C THR A 263 0.42 -2.40 -7.19
N ALA A 264 -0.71 -2.92 -7.67
CA ALA A 264 -0.68 -4.19 -8.40
C ALA A 264 0.12 -4.06 -9.69
N LEU A 265 -0.14 -3.03 -10.47
CA LEU A 265 0.62 -2.82 -11.71
C LEU A 265 2.13 -2.70 -11.43
N ALA A 266 2.49 -2.00 -10.36
CA ALA A 266 3.90 -1.83 -10.01
C ALA A 266 4.53 -3.17 -9.71
N ASN A 267 3.83 -4.01 -8.95
CA ASN A 267 4.41 -5.30 -8.59
C ASN A 267 4.49 -6.24 -9.78
N ILE A 268 3.44 -6.27 -10.59
CA ILE A 268 3.44 -7.06 -11.82
C ILE A 268 4.64 -6.68 -12.67
N ASN A 269 4.81 -5.38 -12.91
CA ASN A 269 5.89 -4.95 -13.78
C ASN A 269 7.27 -5.15 -13.15
N ALA A 270 7.39 -4.87 -11.84
CA ALA A 270 8.66 -5.03 -11.15
C ALA A 270 9.18 -6.46 -11.26
N PHE A 271 8.29 -7.44 -11.07
CA PHE A 271 8.71 -8.84 -11.15
C PHE A 271 8.80 -9.33 -12.59
N TYR A 272 7.99 -8.76 -13.48
CA TYR A 272 8.11 -9.06 -14.90
C TYR A 272 9.54 -8.73 -15.38
N ARG A 273 10.06 -7.60 -14.92
CA ARG A 273 11.39 -7.15 -15.31
C ARG A 273 12.48 -7.97 -14.64
N ARG A 274 12.28 -8.27 -13.36
CA ARG A 274 13.36 -8.87 -12.56
C ARG A 274 13.42 -10.40 -12.60
N CYS A 275 12.31 -11.01 -13.01
CA CYS A 275 12.21 -12.47 -13.11
C CYS A 275 11.86 -12.88 -14.54
N PRO A 276 12.79 -12.62 -15.49
CA PRO A 276 12.51 -12.84 -16.90
C PRO A 276 12.29 -14.31 -17.26
N GLY A 277 12.71 -15.22 -16.38
CA GLY A 277 12.54 -16.65 -16.62
C GLY A 277 11.19 -17.16 -16.15
N LYS A 278 10.37 -16.29 -15.56
CA LYS A 278 9.11 -16.70 -14.97
C LYS A 278 7.92 -15.93 -15.55
N LEU A 279 6.72 -16.50 -15.40
CA LEU A 279 5.48 -15.84 -15.81
C LEU A 279 4.96 -15.00 -14.65
N ILE A 280 4.27 -13.91 -14.97
CA ILE A 280 3.61 -13.12 -13.93
C ILE A 280 2.10 -13.23 -14.11
N PHE A 281 1.38 -13.51 -13.03
CA PHE A 281 -0.09 -13.47 -13.05
C PHE A 281 -0.48 -12.19 -12.33
N GLY A 282 -1.38 -11.40 -12.91
CA GLY A 282 -1.81 -10.19 -12.26
C GLY A 282 -3.03 -10.41 -11.39
N CYS A 283 -3.08 -9.67 -10.28
CA CYS A 283 -4.24 -9.70 -9.40
C CYS A 283 -4.32 -8.36 -8.68
N GLY A 284 -5.46 -7.69 -8.76
CA GLY A 284 -5.65 -6.44 -8.02
C GLY A 284 -6.29 -5.33 -8.83
N GLY A 285 -7.49 -4.91 -8.42
CA GLY A 285 -8.15 -3.76 -9.04
C GLY A 285 -8.78 -3.97 -10.40
N VAL A 286 -9.02 -5.21 -10.80
CA VAL A 286 -9.66 -5.45 -12.11
C VAL A 286 -11.19 -5.43 -12.02
N TYR A 287 -11.79 -4.43 -12.66
CA TYR A 287 -13.24 -4.31 -12.75
C TYR A 287 -13.69 -4.30 -14.21
N THR A 288 -12.78 -3.97 -15.11
CA THR A 288 -13.16 -3.80 -16.52
C THR A 288 -12.12 -4.39 -17.44
N GLY A 289 -12.50 -4.54 -18.70
CA GLY A 289 -11.54 -4.98 -19.71
C GLY A 289 -10.36 -4.04 -19.81
N GLU A 290 -10.61 -2.73 -19.63
CA GLU A 290 -9.52 -1.75 -19.65
C GLU A 290 -8.52 -1.99 -18.51
N ASP A 291 -9.02 -2.28 -17.32
CA ASP A 291 -8.13 -2.64 -16.21
C ASP A 291 -7.29 -3.88 -16.54
N ALA A 292 -7.93 -4.86 -17.17
CA ALA A 292 -7.23 -6.09 -17.56
C ALA A 292 -6.15 -5.78 -18.61
N PHE A 293 -6.49 -4.91 -19.54
CA PHE A 293 -5.53 -4.47 -20.54
C PHE A 293 -4.29 -3.87 -19.86
N LEU A 294 -4.49 -3.10 -18.80
CA LEU A 294 -3.36 -2.52 -18.06
C LEU A 294 -2.49 -3.60 -17.40
N HIS A 295 -3.13 -4.61 -16.82
CA HIS A 295 -2.37 -5.71 -16.22
C HIS A 295 -1.48 -6.36 -17.24
N VAL A 296 -2.04 -6.60 -18.43
CA VAL A 296 -1.28 -7.29 -19.47
C VAL A 296 -0.15 -6.39 -20.00
N LEU A 297 -0.46 -5.11 -20.21
CA LEU A 297 0.58 -4.16 -20.62
C LEU A 297 1.74 -4.15 -19.62
N ALA A 298 1.44 -4.29 -18.33
CA ALA A 298 2.47 -4.31 -17.29
C ALA A 298 3.29 -5.60 -17.26
N GLY A 299 2.74 -6.66 -17.83
CA GLY A 299 3.45 -7.94 -17.95
C GLY A 299 2.64 -9.18 -17.62
N ALA A 300 1.37 -9.03 -17.25
CA ALA A 300 0.58 -10.19 -16.82
C ALA A 300 0.26 -11.18 -17.95
N SER A 301 0.39 -12.47 -17.64
CA SER A 301 -0.08 -13.56 -18.49
C SER A 301 -1.52 -13.96 -18.19
N MET A 302 -1.84 -14.18 -16.93
CA MET A 302 -3.21 -14.43 -16.49
C MET A 302 -3.64 -13.21 -15.68
N VAL A 303 -4.94 -12.98 -15.58
CA VAL A 303 -5.48 -11.84 -14.84
C VAL A 303 -6.55 -12.34 -13.89
N GLN A 304 -6.30 -12.16 -12.59
CA GLN A 304 -7.24 -12.66 -11.58
C GLN A 304 -8.15 -11.54 -11.09
N VAL A 305 -9.37 -11.91 -10.73
CA VAL A 305 -10.43 -10.95 -10.38
C VAL A 305 -11.00 -11.33 -9.00
N GLY A 306 -10.89 -10.39 -8.06
CA GLY A 306 -11.31 -10.61 -6.67
C GLY A 306 -12.57 -9.84 -6.31
N THR A 307 -12.37 -8.64 -5.77
CA THR A 307 -13.45 -7.78 -5.29
C THR A 307 -14.57 -7.64 -6.32
N ALA A 308 -14.22 -7.36 -7.57
CA ALA A 308 -15.25 -7.18 -8.60
C ALA A 308 -16.09 -8.44 -8.82
N LEU A 309 -15.46 -9.60 -8.72
CA LEU A 309 -16.15 -10.89 -8.86
C LEU A 309 -17.02 -11.13 -7.62
N GLN A 310 -16.50 -10.81 -6.45
CA GLN A 310 -17.27 -10.96 -5.21
C GLN A 310 -18.58 -10.19 -5.31
N GLU A 311 -18.53 -9.02 -5.95
CA GLU A 311 -19.70 -8.16 -6.03
C GLU A 311 -20.66 -8.49 -7.18
N GLU A 312 -20.14 -9.09 -8.24
CA GLU A 312 -20.91 -9.30 -9.46
C GLU A 312 -21.28 -10.76 -9.74
N GLY A 313 -20.49 -11.69 -9.24
CA GLY A 313 -20.70 -13.11 -9.52
C GLY A 313 -20.02 -13.52 -10.80
N PRO A 314 -19.97 -14.83 -11.10
CA PRO A 314 -19.21 -15.38 -12.20
C PRO A 314 -19.63 -14.90 -13.59
N SER A 315 -20.80 -14.27 -13.68
CA SER A 315 -21.23 -13.69 -14.96
C SER A 315 -20.26 -12.61 -15.39
N ILE A 316 -19.47 -12.09 -14.45
CA ILE A 316 -18.51 -11.04 -14.76
C ILE A 316 -17.55 -11.46 -15.86
N PHE A 317 -17.25 -12.75 -15.98
CA PHE A 317 -16.25 -13.19 -16.95
C PHE A 317 -16.70 -13.01 -18.40
N GLU A 318 -18.01 -13.10 -18.62
CA GLU A 318 -18.57 -12.85 -19.95
C GLU A 318 -18.40 -11.37 -20.30
N ARG A 319 -18.63 -10.50 -19.31
CA ARG A 319 -18.44 -9.07 -19.50
C ARG A 319 -16.97 -8.72 -19.71
N LEU A 320 -16.08 -9.28 -18.89
CA LEU A 320 -14.67 -8.96 -19.01
C LEU A 320 -14.03 -9.40 -20.33
N THR A 321 -14.39 -10.57 -20.82
CA THR A 321 -13.85 -11.05 -22.09
C THR A 321 -14.34 -10.14 -23.21
N SER A 322 -15.62 -9.79 -23.16
CA SER A 322 -16.21 -8.88 -24.15
C SER A 322 -15.53 -7.51 -24.13
N GLU A 323 -15.37 -6.95 -22.94
CA GLU A 323 -14.73 -5.65 -22.79
C GLU A 323 -13.26 -5.67 -23.23
N LEU A 324 -12.52 -6.71 -22.87
CA LEU A 324 -11.11 -6.77 -23.25
C LEU A 324 -10.96 -6.86 -24.77
N LEU A 325 -11.83 -7.65 -25.40
CA LEU A 325 -11.82 -7.72 -26.86
C LEU A 325 -12.18 -6.37 -27.47
N GLY A 326 -13.11 -5.65 -26.86
CA GLY A 326 -13.50 -4.32 -27.32
C GLY A 326 -12.34 -3.35 -27.24
N VAL A 327 -11.62 -3.38 -26.12
CA VAL A 327 -10.45 -2.53 -25.95
C VAL A 327 -9.39 -2.84 -27.00
N MET A 328 -9.16 -4.11 -27.23
CA MET A 328 -8.16 -4.56 -28.20
C MET A 328 -8.59 -4.19 -29.63
N ALA A 329 -9.89 -4.30 -29.90
CA ALA A 329 -10.39 -3.94 -31.24
C ALA A 329 -10.18 -2.46 -31.54
N LYS A 330 -10.55 -1.61 -30.58
CA LYS A 330 -10.38 -0.16 -30.71
C LYS A 330 -8.91 0.21 -30.86
N LYS A 331 -8.02 -0.58 -30.24
CA LYS A 331 -6.59 -0.32 -30.31
C LYS A 331 -5.89 -1.07 -31.44
N ARG A 332 -6.65 -1.87 -32.19
CA ARG A 332 -6.11 -2.65 -33.30
C ARG A 332 -5.04 -3.67 -32.84
N TYR A 333 -5.33 -4.36 -31.74
CA TYR A 333 -4.53 -5.51 -31.30
C TYR A 333 -5.34 -6.78 -31.53
N GLN A 334 -4.70 -7.81 -32.05
CA GLN A 334 -5.38 -9.07 -32.31
C GLN A 334 -5.16 -10.10 -31.21
N THR A 335 -4.00 -10.04 -30.57
CA THR A 335 -3.60 -11.04 -29.58
C THR A 335 -2.94 -10.37 -28.39
N LEU A 336 -2.89 -11.08 -27.26
CA LEU A 336 -2.27 -10.55 -26.05
C LEU A 336 -0.74 -10.42 -26.16
N ASP A 337 -0.12 -11.32 -26.91
CA ASP A 337 1.34 -11.28 -27.12
C ASP A 337 1.80 -9.95 -27.72
N GLU A 338 0.92 -9.30 -28.47
CA GLU A 338 1.29 -8.04 -29.13
C GLU A 338 1.60 -6.91 -28.18
N PHE A 339 1.07 -6.96 -26.96
CA PHE A 339 1.30 -5.86 -26.04
C PHE A 339 1.69 -6.27 -24.62
N ARG A 340 1.72 -7.58 -24.35
CA ARG A 340 2.11 -8.00 -22.99
C ARG A 340 3.49 -7.48 -22.61
N GLY A 341 3.55 -6.76 -21.49
CA GLY A 341 4.80 -6.22 -20.96
C GLY A 341 5.38 -5.06 -21.75
N LYS A 342 4.60 -4.52 -22.68
CA LYS A 342 5.09 -3.46 -23.56
C LYS A 342 4.78 -2.04 -23.11
N VAL A 343 4.42 -1.87 -21.84
CA VAL A 343 4.18 -0.54 -21.28
C VAL A 343 5.37 0.38 -21.62
N ARG A 344 5.07 1.56 -22.15
CA ARG A 344 6.11 2.51 -22.57
C ARG A 344 6.56 3.39 -21.40
N THR A 345 7.88 3.49 -21.21
CA THR A 345 8.43 4.42 -20.22
C THR A 345 8.83 5.73 -20.89
N LEU A 346 9.04 6.77 -20.08
CA LEU A 346 9.32 8.10 -20.61
C LEU A 346 10.80 8.44 -20.45
N SER B 34 -19.61 27.91 20.48
CA SER B 34 -19.45 26.81 21.47
C SER B 34 -18.49 25.72 20.99
N MET B 35 -17.91 25.91 19.81
CA MET B 35 -17.00 24.91 19.23
C MET B 35 -15.61 25.46 19.02
N SER B 36 -14.64 24.56 18.93
CA SER B 36 -13.26 24.98 18.74
C SER B 36 -12.46 23.90 18.04
N LEU B 37 -11.62 24.33 17.10
CA LEU B 37 -10.70 23.41 16.45
C LEU B 37 -9.30 23.53 17.05
N GLN B 38 -9.17 24.24 18.16
CA GLN B 38 -7.85 24.43 18.77
C GLN B 38 -7.16 23.13 19.14
N VAL B 39 -5.85 23.10 18.90
CA VAL B 39 -4.97 22.00 19.28
C VAL B 39 -3.82 22.57 20.11
N ASN B 40 -3.52 21.93 21.23
CA ASN B 40 -2.40 22.36 22.07
C ASN B 40 -1.38 21.24 22.19
N LEU B 41 -0.16 21.52 21.73
CA LEU B 41 0.91 20.53 21.81
C LEU B 41 2.28 21.19 21.74
N LEU B 42 3.27 20.55 22.36
CA LEU B 42 4.66 21.02 22.42
C LEU B 42 4.81 22.51 22.72
N ASN B 43 4.14 22.96 23.78
CA ASN B 43 4.24 24.34 24.24
C ASN B 43 3.69 25.35 23.23
N ASN B 44 2.83 24.89 22.33
CA ASN B 44 2.23 25.75 21.32
C ASN B 44 0.72 25.60 21.28
N THR B 45 0.06 26.65 20.76
CA THR B 45 -1.37 26.64 20.50
C THR B 45 -1.58 26.77 19.00
N PHE B 46 -2.43 25.92 18.46
CA PHE B 46 -2.75 25.91 17.04
C PHE B 46 -4.23 26.23 16.88
N ALA B 47 -4.55 27.14 15.97
CA ALA B 47 -5.94 27.55 15.79
C ALA B 47 -6.82 26.41 15.27
N ASN B 48 -6.22 25.49 14.52
CA ASN B 48 -6.92 24.36 13.95
C ASN B 48 -5.86 23.31 13.60
N PRO B 49 -6.27 22.05 13.34
CA PRO B 49 -5.27 21.01 13.15
C PRO B 49 -4.64 20.96 11.76
N PHE B 50 -5.10 21.80 10.83
CA PHE B 50 -4.66 21.66 9.45
C PHE B 50 -3.32 22.30 9.12
N MET B 51 -2.55 21.61 8.27
CA MET B 51 -1.31 22.17 7.75
C MET B 51 -1.06 21.50 6.40
N ASN B 52 -0.11 22.02 5.65
CA ASN B 52 0.29 21.32 4.43
C ASN B 52 1.10 20.07 4.79
N ALA B 53 1.12 19.13 3.86
CA ALA B 53 2.04 18.00 3.93
C ALA B 53 3.39 18.50 3.43
N ALA B 54 4.48 18.01 4.00
CA ALA B 54 5.79 18.46 3.57
C ALA B 54 5.92 18.16 2.08
N GLY B 55 6.55 19.06 1.36
CA GLY B 55 6.67 18.89 -0.10
C GLY B 55 5.61 19.57 -0.94
N VAL B 56 4.44 19.84 -0.36
CA VAL B 56 3.39 20.47 -1.14
C VAL B 56 3.24 21.93 -0.76
N MET B 57 3.42 22.80 -1.76
CA MET B 57 3.25 24.24 -1.58
C MET B 57 4.06 24.85 -0.44
N CYS B 58 5.35 24.50 -0.39
CA CYS B 58 6.21 24.95 0.71
C CYS B 58 7.69 25.01 0.36
N THR B 59 7.99 25.13 -0.94
CA THR B 59 9.37 25.12 -1.38
C THR B 59 9.98 26.53 -1.48
N THR B 60 9.20 27.47 -1.97
CA THR B 60 9.71 28.82 -2.21
C THR B 60 9.25 29.80 -1.14
N THR B 61 9.85 30.98 -1.12
CA THR B 61 9.45 32.01 -0.18
C THR B 61 7.98 32.37 -0.38
N GLU B 62 7.58 32.49 -1.64
CA GLU B 62 6.22 32.85 -2.00
C GLU B 62 5.23 31.82 -1.44
N GLU B 63 5.59 30.55 -1.53
CA GLU B 63 4.74 29.47 -1.03
C GLU B 63 4.65 29.48 0.49
N LEU B 64 5.78 29.65 1.15
CA LEU B 64 5.82 29.69 2.60
C LEU B 64 5.01 30.87 3.14
N VAL B 65 5.12 32.02 2.48
CA VAL B 65 4.32 33.17 2.89
C VAL B 65 2.82 32.90 2.66
N ALA B 66 2.49 32.30 1.52
CA ALA B 66 1.11 31.96 1.21
C ALA B 66 0.52 30.99 2.24
N MET B 67 1.31 29.98 2.63
CA MET B 67 0.87 29.08 3.71
C MET B 67 0.66 29.80 5.04
N THR B 68 1.56 30.74 5.35
CA THR B 68 1.45 31.51 6.59
C THR B 68 0.21 32.41 6.58
N GLU B 69 -0.10 32.97 5.42
CA GLU B 69 -1.28 33.84 5.28
C GLU B 69 -2.59 33.07 5.16
N SER B 70 -2.51 31.77 4.93
CA SER B 70 -3.69 30.92 4.79
C SER B 70 -4.42 30.70 6.11
N ALA B 71 -5.56 30.04 6.05
CA ALA B 71 -6.33 29.71 7.25
C ALA B 71 -5.80 28.46 7.96
N SER B 72 -4.71 27.87 7.46
CA SER B 72 -4.15 26.70 8.14
C SER B 72 -3.70 26.97 9.57
N GLY B 73 -3.77 25.95 10.42
CA GLY B 73 -3.24 26.05 11.78
C GLY B 73 -1.72 26.09 11.86
N SER B 74 -1.04 25.49 10.88
CA SER B 74 0.41 25.51 10.84
C SER B 74 0.90 25.27 9.42
N LEU B 75 2.21 25.08 9.28
CA LEU B 75 2.82 24.78 7.99
C LEU B 75 4.14 24.09 8.23
N VAL B 76 4.60 23.37 7.22
CA VAL B 76 5.90 22.72 7.28
C VAL B 76 6.66 23.03 5.99
N SER B 77 7.94 23.35 6.12
CA SER B 77 8.74 23.66 4.94
C SER B 77 9.13 22.39 4.17
N LYS B 78 9.40 22.55 2.87
CA LYS B 78 9.84 21.43 2.02
C LYS B 78 11.01 20.66 2.61
N SER B 79 10.93 19.32 2.60
CA SER B 79 12.02 18.50 3.09
C SER B 79 13.31 18.94 2.44
N CYS B 80 14.31 19.23 3.28
CA CYS B 80 15.55 19.83 2.79
C CYS B 80 16.77 18.94 2.88
N THR B 81 17.71 19.20 2.00
CA THR B 81 19.02 18.56 2.02
C THR B 81 20.03 19.66 2.33
N PRO B 82 21.29 19.29 2.64
CA PRO B 82 22.23 20.32 3.06
C PRO B 82 22.45 21.42 2.02
N ALA B 83 22.45 21.02 0.75
CA ALA B 83 22.55 21.95 -0.37
C ALA B 83 21.32 21.87 -1.26
N LEU B 84 21.14 22.87 -2.13
CA LEU B 84 20.01 22.87 -3.04
C LEU B 84 20.04 21.66 -3.96
N ARG B 85 18.87 21.20 -4.37
CA ARG B 85 18.72 20.08 -5.30
C ARG B 85 17.67 20.45 -6.33
N GLU B 86 17.94 20.13 -7.60
CA GLU B 86 16.95 20.43 -8.63
C GLU B 86 15.86 19.36 -8.71
N GLY B 87 16.15 18.17 -8.17
CA GLY B 87 15.18 17.08 -8.15
C GLY B 87 15.21 16.24 -9.42
N ASN B 88 14.23 15.34 -9.56
CA ASN B 88 14.17 14.41 -10.69
C ASN B 88 13.69 15.07 -11.98
N PRO B 89 13.94 14.42 -13.13
CA PRO B 89 13.45 14.97 -14.40
C PRO B 89 11.92 14.99 -14.52
N THR B 90 11.38 15.96 -15.26
CA THR B 90 9.94 16.08 -15.45
C THR B 90 9.46 15.35 -16.70
N PRO B 91 8.17 14.94 -16.74
CA PRO B 91 7.15 15.11 -15.72
C PRO B 91 7.42 14.23 -14.50
N ARG B 92 7.22 14.78 -13.30
CA ARG B 92 7.50 14.04 -12.08
C ARG B 92 6.31 14.04 -11.11
N TYR B 93 5.20 14.62 -11.53
CA TYR B 93 3.96 14.62 -10.76
C TYR B 93 2.79 14.49 -11.71
N GLN B 94 1.80 13.67 -11.34
CA GLN B 94 0.58 13.57 -12.12
C GLN B 94 -0.62 13.47 -11.19
N ALA B 95 -1.57 14.38 -11.35
CA ALA B 95 -2.85 14.29 -10.64
C ALA B 95 -3.71 13.23 -11.31
N LEU B 96 -4.50 12.52 -10.51
CA LEU B 96 -5.29 11.39 -10.99
C LEU B 96 -6.70 11.47 -10.41
N PRO B 97 -7.66 10.79 -11.06
CA PRO B 97 -9.01 10.76 -10.50
C PRO B 97 -9.05 10.34 -9.03
N LEU B 98 -8.22 9.37 -8.65
CA LEU B 98 -8.22 8.86 -7.28
C LEU B 98 -7.06 9.37 -6.43
N GLY B 99 -6.30 10.35 -6.91
CA GLY B 99 -5.22 10.89 -6.09
C GLY B 99 -4.10 11.49 -6.91
N SER B 100 -2.89 10.99 -6.70
CA SER B 100 -1.71 11.49 -7.42
C SER B 100 -0.58 10.47 -7.37
N ILE B 101 0.36 10.62 -8.30
CA ILE B 101 1.60 9.86 -8.29
C ILE B 101 2.75 10.83 -8.49
N ASN B 102 3.84 10.65 -7.75
CA ASN B 102 4.98 11.53 -7.94
C ASN B 102 6.32 10.85 -7.72
N SER B 103 7.33 11.42 -8.35
CA SER B 103 8.71 11.09 -8.03
C SER B 103 9.49 12.39 -8.09
N MET B 104 9.21 13.31 -7.16
CA MET B 104 9.83 14.64 -7.18
C MET B 104 11.35 14.58 -7.04
N GLY B 105 11.83 13.73 -6.14
CA GLY B 105 13.28 13.57 -5.94
C GLY B 105 13.91 14.68 -5.10
N LEU B 106 13.16 15.16 -4.12
CA LEU B 106 13.62 16.19 -3.17
C LEU B 106 14.15 17.47 -3.82
N PRO B 107 13.39 18.04 -4.77
CA PRO B 107 13.80 19.36 -5.23
C PRO B 107 13.59 20.36 -4.09
N ASN B 108 14.65 21.05 -3.68
CA ASN B 108 14.52 21.97 -2.55
C ASN B 108 15.61 23.02 -2.57
N ASN B 109 15.38 24.13 -1.87
CA ASN B 109 16.34 25.23 -1.88
C ASN B 109 17.56 25.07 -1.00
N GLY B 110 17.64 23.97 -0.27
CA GLY B 110 18.76 23.70 0.63
C GLY B 110 18.48 24.17 2.04
N PHE B 111 19.11 23.50 3.00
CA PHE B 111 18.91 23.78 4.43
C PHE B 111 19.11 25.25 4.79
N ASP B 112 20.16 25.88 4.28
CA ASP B 112 20.38 27.27 4.67
C ASP B 112 19.16 28.14 4.41
N PHE B 113 18.50 27.90 3.28
CA PHE B 113 17.34 28.68 2.89
C PHE B 113 16.17 28.51 3.87
N TYR B 114 15.87 27.26 4.24
CA TYR B 114 14.77 27.02 5.18
C TYR B 114 15.12 27.45 6.60
N LEU B 115 16.40 27.33 6.96
CA LEU B 115 16.86 27.80 8.26
C LEU B 115 16.71 29.32 8.35
N ALA B 116 17.06 30.02 7.27
CA ALA B 116 16.91 31.48 7.24
C ALA B 116 15.45 31.89 7.31
N TYR B 117 14.57 31.15 6.65
CA TYR B 117 13.16 31.46 6.73
C TYR B 117 12.69 31.35 8.18
N ALA B 118 13.05 30.26 8.85
CA ALA B 118 12.66 30.03 10.24
C ALA B 118 13.25 31.06 11.20
N ALA B 119 14.50 31.44 10.94
CA ALA B 119 15.23 32.35 11.83
C ALA B 119 14.85 33.81 11.67
N GLU B 120 14.60 34.24 10.43
CA GLU B 120 14.51 35.67 10.13
C GLU B 120 13.20 36.14 9.49
N GLN B 121 12.46 35.24 8.86
CA GLN B 121 11.31 35.70 8.09
C GLN B 121 9.94 35.27 8.61
N HIS B 122 9.87 34.05 9.15
CA HIS B 122 8.56 33.55 9.55
C HIS B 122 7.91 34.36 10.63
N ASP B 123 6.62 34.63 10.47
CA ASP B 123 5.83 35.34 11.47
C ASP B 123 5.18 34.36 12.43
N TYR B 124 5.87 34.08 13.53
CA TYR B 124 5.41 33.13 14.54
C TYR B 124 4.16 33.66 15.24
N GLY B 125 3.93 34.96 15.13
CA GLY B 125 2.71 35.57 15.67
C GLY B 125 1.47 35.10 14.93
N LYS B 126 1.67 34.58 13.72
CA LYS B 126 0.56 34.11 12.89
C LYS B 126 0.27 32.62 13.15
N LYS B 127 1.33 31.80 13.20
CA LYS B 127 1.18 30.37 13.46
C LYS B 127 2.54 29.71 13.69
N PRO B 128 2.57 28.55 14.36
CA PRO B 128 3.83 27.84 14.54
C PRO B 128 4.35 27.28 13.21
N LEU B 129 5.64 27.00 13.16
CA LEU B 129 6.31 26.54 11.96
C LEU B 129 7.05 25.23 12.20
N PHE B 130 6.88 24.28 11.28
CA PHE B 130 7.68 23.07 11.30
C PHE B 130 8.68 23.13 10.14
N LEU B 131 9.87 22.60 10.37
CA LEU B 131 10.89 22.48 9.31
C LEU B 131 11.12 21.00 9.03
N SER B 132 10.90 20.56 7.78
CA SER B 132 11.12 19.16 7.43
C SER B 132 12.53 18.96 6.93
N MET B 133 13.21 17.95 7.45
CA MET B 133 14.60 17.68 7.11
C MET B 133 14.74 16.30 6.49
N SER B 134 15.42 16.23 5.36
CA SER B 134 15.62 14.95 4.70
C SER B 134 17.04 14.80 4.16
N GLY B 135 18.02 14.75 5.06
CA GLY B 135 19.39 14.48 4.66
C GLY B 135 19.51 13.12 3.97
N LEU B 136 20.49 13.00 3.08
CA LEU B 136 20.68 11.77 2.31
C LEU B 136 21.68 10.82 2.98
N SER B 137 22.09 11.16 4.21
CA SER B 137 22.90 10.28 5.03
C SER B 137 22.66 10.65 6.48
N MET B 138 23.06 9.76 7.39
CA MET B 138 22.95 10.06 8.81
C MET B 138 23.77 11.30 9.15
N ARG B 139 25.00 11.36 8.64
CA ARG B 139 25.88 12.51 8.90
C ARG B 139 25.25 13.82 8.44
N GLU B 140 24.59 13.80 7.29
CA GLU B 140 23.94 15.01 6.78
C GLU B 140 22.88 15.52 7.74
N ASN B 141 22.06 14.61 8.27
CA ASN B 141 21.05 15.00 9.25
C ASN B 141 21.68 15.51 10.54
N VAL B 142 22.71 14.83 11.02
CA VAL B 142 23.38 15.27 12.24
C VAL B 142 23.94 16.69 12.11
N GLU B 143 24.59 16.98 10.98
CA GLU B 143 25.17 18.29 10.76
C GLU B 143 24.14 19.40 10.61
N MET B 144 23.03 19.11 9.95
CA MET B 144 21.96 20.09 9.87
C MET B 144 21.34 20.34 11.25
N CYS B 145 21.15 19.27 12.01
CA CYS B 145 20.54 19.39 13.33
C CYS B 145 21.37 20.23 14.29
N LYS B 146 22.71 20.10 14.21
CA LYS B 146 23.59 20.90 15.05
C LYS B 146 23.33 22.38 14.82
N ARG B 147 23.08 22.76 13.56
CA ARG B 147 22.84 24.15 13.21
C ARG B 147 21.39 24.59 13.47
N LEU B 148 20.45 23.66 13.37
CA LEU B 148 19.06 23.99 13.61
C LEU B 148 18.82 24.27 15.09
N ALA B 149 19.58 23.59 15.95
CA ALA B 149 19.40 23.70 17.40
C ALA B 149 19.20 25.14 17.90
N ALA B 150 20.10 26.04 17.54
CA ALA B 150 20.02 27.41 18.03
C ALA B 150 18.76 28.14 17.57
N VAL B 151 18.31 27.85 16.34
CA VAL B 151 17.14 28.51 15.80
C VAL B 151 15.86 27.97 16.45
N ALA B 152 15.83 26.68 16.72
CA ALA B 152 14.71 26.09 17.47
C ALA B 152 14.60 26.73 18.86
N THR B 153 15.75 26.91 19.50
CA THR B 153 15.79 27.54 20.83
C THR B 153 15.31 28.99 20.78
N GLU B 154 15.84 29.77 19.85
CA GLU B 154 15.55 31.19 19.76
C GLU B 154 14.17 31.55 19.22
N LYS B 155 13.69 30.79 18.22
CA LYS B 155 12.50 31.16 17.49
C LYS B 155 11.33 30.18 17.65
N GLY B 156 11.64 28.93 18.01
CA GLY B 156 10.57 27.96 18.26
C GLY B 156 10.16 27.04 17.11
N VAL B 157 10.85 27.13 15.97
CA VAL B 157 10.60 26.20 14.86
C VAL B 157 10.76 24.76 15.36
N ILE B 158 9.92 23.86 14.85
CA ILE B 158 9.91 22.47 15.29
C ILE B 158 10.35 21.53 14.17
N LEU B 159 11.27 20.62 14.46
CA LEU B 159 11.79 19.67 13.46
C LEU B 159 10.82 18.53 13.17
N GLU B 160 10.58 18.26 11.88
CA GLU B 160 9.95 17.02 11.44
C GLU B 160 11.01 16.29 10.60
N LEU B 161 11.58 15.23 11.17
CA LEU B 161 12.65 14.48 10.51
C LEU B 161 12.05 13.43 9.57
N ASN B 162 12.38 13.54 8.28
CA ASN B 162 11.82 12.63 7.29
C ASN B 162 12.63 11.34 7.21
N LEU B 163 12.05 10.24 7.67
CA LEU B 163 12.70 8.94 7.58
C LEU B 163 12.16 8.10 6.42
N SER B 164 11.45 8.72 5.46
CA SER B 164 10.66 7.97 4.45
C SER B 164 10.62 8.31 2.95
N CYS B 165 11.42 9.23 2.47
CA CYS B 165 11.36 9.54 1.03
C CYS B 165 11.43 8.32 0.10
N PRO B 166 10.39 8.10 -0.73
CA PRO B 166 10.42 6.91 -1.58
C PRO B 166 10.81 7.17 -3.04
N ASN B 167 11.37 8.35 -3.32
CA ASN B 167 11.56 8.79 -4.71
C ASN B 167 12.98 9.12 -5.17
N VAL B 168 13.96 9.12 -4.28
CA VAL B 168 15.34 9.39 -4.67
C VAL B 168 15.99 8.09 -5.13
N PRO B 169 16.39 8.00 -6.42
CA PRO B 169 16.92 6.76 -6.98
C PRO B 169 18.13 6.22 -6.21
N GLY B 170 18.09 4.93 -5.88
CA GLY B 170 19.19 4.28 -5.18
C GLY B 170 19.25 4.49 -3.67
N LYS B 171 18.33 5.29 -3.14
CA LYS B 171 18.31 5.58 -1.71
C LYS B 171 17.26 4.73 -0.98
N PRO B 172 17.66 4.08 0.12
CA PRO B 172 16.76 3.20 0.85
C PRO B 172 15.77 3.97 1.74
N GLN B 173 14.65 3.33 2.03
CA GLN B 173 13.69 3.88 2.98
C GLN B 173 14.29 3.59 4.34
N VAL B 174 14.88 4.60 4.98
CA VAL B 174 15.48 4.40 6.30
C VAL B 174 14.51 3.72 7.27
N ALA B 175 13.24 4.12 7.24
CA ALA B 175 12.28 3.56 8.19
C ALA B 175 11.88 2.12 7.89
N TYR B 176 12.29 1.60 6.73
CA TYR B 176 12.07 0.19 6.43
C TYR B 176 13.30 -0.64 6.81
N ASP B 177 14.27 0.01 7.45
CA ASP B 177 15.48 -0.63 7.94
C ASP B 177 15.61 -0.30 9.43
N PHE B 178 15.08 -1.17 10.28
CA PHE B 178 14.96 -0.83 11.70
C PHE B 178 16.29 -0.55 12.41
N ASP B 179 17.33 -1.30 12.08
CA ASP B 179 18.64 -1.05 12.66
C ASP B 179 19.15 0.35 12.30
N ALA B 180 19.01 0.70 11.03
CA ALA B 180 19.40 2.03 10.57
C ALA B 180 18.60 3.12 11.27
N MET B 181 17.29 2.93 11.38
CA MET B 181 16.44 3.91 12.05
C MET B 181 16.88 4.18 13.49
N ARG B 182 17.14 3.12 14.25
CA ARG B 182 17.59 3.29 15.62
C ARG B 182 18.89 4.08 15.69
N GLN B 183 19.85 3.71 14.83
CA GLN B 183 21.13 4.41 14.79
C GLN B 183 20.96 5.89 14.45
N CYS B 184 20.06 6.24 13.45
CA CYS B 184 19.91 7.61 13.05
C CYS B 184 19.27 8.39 14.15
N LEU B 185 18.23 7.83 14.82
CA LEU B 185 17.58 8.58 15.94
C LEU B 185 18.52 8.78 17.13
N THR B 186 19.41 7.83 17.35
CA THR B 186 20.43 7.97 18.39
C THR B 186 21.37 9.14 18.04
N ALA B 187 21.86 9.13 16.80
CA ALA B 187 22.77 10.17 16.33
C ALA B 187 22.16 11.57 16.37
N VAL B 188 20.92 11.70 15.93
CA VAL B 188 20.22 12.98 16.00
C VAL B 188 19.96 13.42 17.43
N SER B 189 19.49 12.48 18.27
CA SER B 189 19.20 12.78 19.66
C SER B 189 20.43 13.31 20.41
N GLU B 190 21.60 12.76 20.09
CA GLU B 190 22.85 13.20 20.70
C GLU B 190 23.19 14.67 20.46
N VAL B 191 22.80 15.21 19.31
CA VAL B 191 23.19 16.58 18.97
C VAL B 191 22.05 17.59 18.97
N TYR B 192 20.81 17.10 19.08
CA TYR B 192 19.66 17.99 18.96
C TYR B 192 18.93 18.06 20.30
N PRO B 193 19.04 19.21 20.99
CA PRO B 193 18.52 19.32 22.34
C PRO B 193 17.07 19.78 22.40
N HIS B 194 16.23 19.26 21.50
CA HIS B 194 14.81 19.62 21.49
C HIS B 194 13.96 18.44 21.11
N SER B 195 12.67 18.55 21.41
CA SER B 195 11.68 17.61 20.94
C SER B 195 11.64 17.71 19.42
N PHE B 196 11.27 16.62 18.77
CA PHE B 196 11.07 16.64 17.32
C PHE B 196 10.11 15.52 16.94
N GLY B 197 9.75 15.47 15.67
CA GLY B 197 8.87 14.41 15.18
C GLY B 197 9.51 13.69 14.02
N VAL B 198 8.95 12.55 13.66
CA VAL B 198 9.43 11.76 12.53
C VAL B 198 8.31 11.50 11.54
N LYS B 199 8.62 11.68 10.26
CA LYS B 199 7.69 11.37 9.17
C LYS B 199 7.97 9.95 8.70
N MET B 200 6.95 9.10 8.76
CA MET B 200 7.13 7.66 8.53
C MET B 200 6.46 7.19 7.24
N PRO B 201 7.06 6.18 6.60
CA PRO B 201 6.37 5.52 5.50
C PRO B 201 5.30 4.61 6.08
N PRO B 202 4.31 4.20 5.28
CA PRO B 202 3.34 3.24 5.78
C PRO B 202 3.92 1.86 6.02
N TYR B 203 3.44 1.19 7.08
CA TYR B 203 3.69 -0.24 7.25
C TYR B 203 2.40 -1.01 6.99
N PHE B 204 2.52 -2.33 6.81
CA PHE B 204 1.44 -3.16 6.30
C PHE B 204 1.28 -4.47 7.07
N ASP B 205 1.89 -4.54 8.24
N ASP B 205 1.99 -4.62 8.17
CA ASP B 205 1.93 -5.76 9.04
CA ASP B 205 1.74 -5.76 9.05
C ASP B 205 2.10 -5.42 10.51
C ASP B 205 2.05 -5.39 10.50
N PHE B 206 1.36 -6.07 11.41
CA PHE B 206 1.46 -5.79 12.84
C PHE B 206 2.86 -6.03 13.39
N ALA B 207 3.61 -6.96 12.82
CA ALA B 207 5.00 -7.18 13.27
C ALA B 207 5.84 -5.94 13.02
N HIS B 208 5.60 -5.26 11.91
N HIS B 208 5.59 -5.24 11.91
CA HIS B 208 6.32 -4.04 11.59
CA HIS B 208 6.34 -4.04 11.61
C HIS B 208 5.87 -2.89 12.43
C HIS B 208 5.87 -2.84 12.38
N PHE B 209 4.56 -2.77 12.64
CA PHE B 209 4.02 -1.72 13.53
C PHE B 209 4.69 -1.89 14.90
N ASP B 210 4.72 -3.12 15.40
CA ASP B 210 5.33 -3.37 16.72
C ASP B 210 6.82 -3.02 16.76
N ALA B 211 7.57 -3.44 15.75
CA ALA B 211 9.02 -3.20 15.72
C ALA B 211 9.34 -1.70 15.64
N ALA B 212 8.60 -1.00 14.78
CA ALA B 212 8.80 0.42 14.60
C ALA B 212 8.45 1.16 15.88
N ALA B 213 7.32 0.81 16.48
CA ALA B 213 6.89 1.48 17.70
C ALA B 213 7.89 1.27 18.83
N GLU B 214 8.40 0.06 18.96
CA GLU B 214 9.38 -0.24 20.01
C GLU B 214 10.61 0.66 19.87
N ILE B 215 11.08 0.83 18.63
CA ILE B 215 12.22 1.72 18.39
C ILE B 215 11.87 3.17 18.72
N LEU B 216 10.73 3.66 18.22
CA LEU B 216 10.39 5.06 18.46
C LEU B 216 10.20 5.34 19.95
N ASN B 217 9.61 4.39 20.67
CA ASN B 217 9.44 4.53 22.12
C ASN B 217 10.74 4.59 22.92
N GLU B 218 11.86 4.23 22.30
CA GLU B 218 13.16 4.36 22.95
C GLU B 218 13.66 5.80 22.99
N PHE B 219 13.02 6.68 22.21
CA PHE B 219 13.50 8.06 22.08
C PHE B 219 12.49 9.07 22.61
N PRO B 220 12.72 9.56 23.83
CA PRO B 220 11.76 10.49 24.41
C PRO B 220 11.70 11.81 23.65
N LYS B 221 12.77 12.18 22.94
CA LYS B 221 12.71 13.40 22.14
C LYS B 221 11.77 13.27 20.94
N VAL B 222 11.47 12.05 20.50
CA VAL B 222 10.50 11.86 19.41
C VAL B 222 9.11 12.02 20.01
N GLN B 223 8.58 13.22 19.92
CA GLN B 223 7.30 13.54 20.56
C GLN B 223 6.10 13.42 19.63
N PHE B 224 6.33 13.36 18.31
CA PHE B 224 5.23 13.13 17.39
C PHE B 224 5.69 12.27 16.23
N ILE B 225 4.74 11.55 15.65
CA ILE B 225 4.96 10.66 14.52
C ILE B 225 3.97 11.07 13.44
N THR B 226 4.47 11.39 12.25
CA THR B 226 3.58 11.74 11.15
C THR B 226 3.38 10.53 10.25
N CYS B 227 2.13 10.07 10.16
CA CYS B 227 1.72 8.91 9.38
C CYS B 227 0.70 9.41 8.36
N ILE B 228 0.96 9.36 7.05
CA ILE B 228 2.07 8.67 6.42
C ILE B 228 2.65 9.48 5.26
N ASN B 229 3.87 9.13 4.87
CA ASN B 229 4.40 9.52 3.59
C ASN B 229 3.63 8.68 2.56
N SER B 230 3.92 8.89 1.29
CA SER B 230 3.21 8.22 0.22
C SER B 230 3.25 6.70 0.30
N ILE B 231 2.28 6.04 -0.32
CA ILE B 231 2.42 4.59 -0.53
C ILE B 231 3.46 4.45 -1.64
N GLY B 232 4.60 3.87 -1.30
CA GLY B 232 5.75 3.92 -2.20
C GLY B 232 5.65 3.12 -3.48
N ASN B 233 6.21 3.68 -4.55
CA ASN B 233 6.48 2.89 -5.75
C ASN B 233 5.28 2.20 -6.35
N GLY B 234 4.17 2.93 -6.44
CA GLY B 234 3.07 2.49 -7.30
C GLY B 234 3.46 2.74 -8.75
N LEU B 235 2.65 2.21 -9.66
CA LEU B 235 2.90 2.42 -11.09
C LEU B 235 1.59 2.71 -11.78
N VAL B 236 1.44 3.95 -12.22
CA VAL B 236 0.23 4.34 -12.95
C VAL B 236 0.50 4.21 -14.44
N ILE B 237 -0.42 3.54 -15.14
CA ILE B 237 -0.33 3.34 -16.58
C ILE B 237 -1.57 3.95 -17.21
N ASP B 238 -1.37 4.79 -18.22
CA ASP B 238 -2.47 5.46 -18.92
C ASP B 238 -2.88 4.54 -20.09
N ALA B 239 -4.10 4.01 -20.02
CA ALA B 239 -4.55 3.07 -21.03
C ALA B 239 -4.56 3.66 -22.43
N GLU B 240 -4.82 4.97 -22.53
CA GLU B 240 -4.90 5.62 -23.83
C GLU B 240 -3.52 5.70 -24.48
N THR B 241 -2.52 6.11 -23.72
CA THR B 241 -1.16 6.27 -24.26
C THR B 241 -0.34 4.97 -24.18
N GLU B 242 -0.85 3.99 -23.43
CA GLU B 242 -0.12 2.73 -23.21
C GLU B 242 1.26 2.99 -22.62
N SER B 243 1.33 3.98 -21.73
CA SER B 243 2.60 4.38 -21.14
C SER B 243 2.42 4.70 -19.67
N VAL B 244 3.55 4.78 -18.97
CA VAL B 244 3.57 5.35 -17.62
C VAL B 244 3.32 6.87 -17.72
N VAL B 245 3.18 7.54 -16.58
CA VAL B 245 2.80 8.96 -16.59
C VAL B 245 3.82 9.90 -15.95
N ILE B 246 4.84 9.33 -15.33
CA ILE B 246 5.98 10.13 -14.84
C ILE B 246 7.29 9.59 -15.40
N LYS B 247 8.28 10.48 -15.51
CA LYS B 247 9.54 10.12 -16.14
C LYS B 247 10.53 9.33 -15.27
N PRO B 248 10.75 9.77 -14.01
CA PRO B 248 11.75 9.08 -13.22
C PRO B 248 11.42 7.62 -12.93
N LYS B 249 12.47 6.81 -12.72
CA LYS B 249 12.34 5.44 -12.22
C LYS B 249 11.33 4.59 -12.98
N GLN B 250 11.34 4.68 -14.31
N GLN B 250 11.34 4.72 -14.30
CA GLN B 250 10.48 3.85 -15.13
CA GLN B 250 10.48 3.93 -15.17
C GLN B 250 8.98 4.01 -14.81
C GLN B 250 8.99 4.03 -14.82
N GLY B 251 8.61 5.17 -14.26
CA GLY B 251 7.21 5.47 -13.97
C GLY B 251 6.74 5.15 -12.56
N PHE B 252 7.62 4.55 -11.76
CA PHE B 252 7.30 4.17 -10.39
C PHE B 252 7.38 5.40 -9.48
N GLY B 253 6.37 5.58 -8.64
CA GLY B 253 6.39 6.76 -7.78
C GLY B 253 5.43 6.62 -6.62
N GLY B 254 5.53 7.55 -5.69
CA GLY B 254 4.67 7.53 -4.50
C GLY B 254 3.23 7.91 -4.78
N LEU B 255 2.31 7.14 -4.18
CA LEU B 255 0.88 7.41 -4.35
C LEU B 255 0.36 8.26 -3.22
N GLY B 256 -0.51 9.20 -3.57
CA GLY B 256 -1.19 10.04 -2.59
C GLY B 256 -2.68 10.14 -2.92
N GLY B 257 -3.45 10.73 -2.00
CA GLY B 257 -4.86 11.01 -2.30
C GLY B 257 -5.82 9.91 -1.88
N ARG B 258 -6.91 9.75 -2.61
CA ARG B 258 -7.94 8.79 -2.20
C ARG B 258 -7.41 7.36 -2.09
N TYR B 259 -6.40 7.01 -2.89
CA TYR B 259 -5.79 5.69 -2.80
C TYR B 259 -5.31 5.33 -1.40
N VAL B 260 -4.86 6.33 -0.63
CA VAL B 260 -4.07 6.04 0.56
C VAL B 260 -4.81 6.19 1.89
N LEU B 261 -6.07 6.59 1.85
CA LEU B 261 -6.75 6.93 3.12
C LEU B 261 -6.85 5.76 4.12
N PRO B 262 -7.29 4.57 3.69
CA PRO B 262 -7.36 3.49 4.68
C PRO B 262 -5.99 3.08 5.22
N THR B 263 -4.95 3.18 4.38
CA THR B 263 -3.59 2.88 4.83
C THR B 263 -3.13 3.93 5.83
N ALA B 264 -3.47 5.19 5.55
CA ALA B 264 -3.11 6.26 6.48
C ALA B 264 -3.82 6.09 7.82
N LEU B 265 -5.13 5.85 7.77
CA LEU B 265 -5.88 5.62 9.01
C LEU B 265 -5.30 4.47 9.83
N ALA B 266 -4.90 3.39 9.14
CA ALA B 266 -4.32 2.22 9.81
C ALA B 266 -3.04 2.61 10.53
N ASN B 267 -2.19 3.36 9.85
CA ASN B 267 -0.90 3.71 10.46
C ASN B 267 -1.07 4.71 11.60
N ILE B 268 -1.97 5.67 11.42
CA ILE B 268 -2.27 6.64 12.46
C ILE B 268 -2.73 5.89 13.71
N ASN B 269 -3.69 4.99 13.53
CA ASN B 269 -4.24 4.29 14.68
C ASN B 269 -3.26 3.29 15.28
N ALA B 270 -2.48 2.61 14.44
CA ALA B 270 -1.54 1.63 14.96
C ALA B 270 -0.52 2.30 15.87
N PHE B 271 -0.01 3.46 15.45
CA PHE B 271 0.97 4.17 16.25
C PHE B 271 0.32 4.93 17.41
N TYR B 272 -0.92 5.38 17.22
CA TYR B 272 -1.65 5.99 18.33
C TYR B 272 -1.74 5.00 19.50
N ARG B 273 -2.03 3.74 19.17
CA ARG B 273 -2.17 2.69 20.18
C ARG B 273 -0.82 2.28 20.79
N ARG B 274 0.21 2.19 19.95
CA ARG B 274 1.49 1.61 20.39
C ARG B 274 2.45 2.61 21.02
N CYS B 275 2.20 3.90 20.77
CA CYS B 275 3.07 4.95 21.29
C CYS B 275 2.24 5.94 22.08
N PRO B 276 1.71 5.51 23.25
CA PRO B 276 0.79 6.34 24.02
C PRO B 276 1.45 7.62 24.55
N GLY B 277 2.78 7.64 24.58
CA GLY B 277 3.53 8.80 25.06
C GLY B 277 3.76 9.88 24.02
N LYS B 278 3.32 9.62 22.79
CA LYS B 278 3.56 10.54 21.69
C LYS B 278 2.26 11.01 21.04
N LEU B 279 2.34 12.08 20.26
CA LEU B 279 1.21 12.53 19.46
C LEU B 279 1.38 11.97 18.04
N ILE B 280 0.27 11.82 17.34
CA ILE B 280 0.32 11.39 15.95
C ILE B 280 -0.17 12.52 15.04
N PHE B 281 0.52 12.78 13.94
CA PHE B 281 0.03 13.74 12.95
C PHE B 281 -0.44 12.89 11.77
N GLY B 282 -1.66 13.12 11.30
CA GLY B 282 -2.17 12.35 10.18
C GLY B 282 -1.79 12.99 8.86
N CYS B 283 -1.52 12.16 7.86
CA CYS B 283 -1.24 12.64 6.52
C CYS B 283 -1.64 11.56 5.55
N GLY B 284 -2.49 11.90 4.59
CA GLY B 284 -2.90 10.94 3.56
C GLY B 284 -4.38 10.92 3.29
N GLY B 285 -4.76 11.28 2.08
CA GLY B 285 -6.15 11.17 1.64
C GLY B 285 -7.14 12.18 2.15
N VAL B 286 -6.66 13.31 2.69
CA VAL B 286 -7.59 14.34 3.18
C VAL B 286 -8.05 15.29 2.08
N TYR B 287 -9.33 15.25 1.74
CA TYR B 287 -9.92 16.17 0.78
C TYR B 287 -11.04 16.98 1.41
N THR B 288 -11.61 16.46 2.49
CA THR B 288 -12.79 17.07 3.09
C THR B 288 -12.69 17.11 4.60
N GLY B 289 -13.58 17.88 5.21
CA GLY B 289 -13.69 17.91 6.66
C GLY B 289 -14.03 16.53 7.21
N GLU B 290 -14.82 15.77 6.47
CA GLU B 290 -15.13 14.39 6.87
C GLU B 290 -13.89 13.51 6.90
N ASP B 291 -13.03 13.63 5.89
CA ASP B 291 -11.76 12.88 5.92
C ASP B 291 -10.91 13.27 7.13
N ALA B 292 -10.87 14.57 7.42
CA ALA B 292 -10.15 15.06 8.59
C ALA B 292 -10.70 14.48 9.89
N PHE B 293 -12.04 14.44 9.97
CA PHE B 293 -12.71 13.85 11.10
C PHE B 293 -12.24 12.40 11.33
N LEU B 294 -12.10 11.65 10.23
CA LEU B 294 -11.63 10.27 10.32
C LEU B 294 -10.19 10.21 10.83
N HIS B 295 -9.32 11.10 10.35
CA HIS B 295 -7.95 11.14 10.87
C HIS B 295 -7.94 11.33 12.36
N VAL B 296 -8.75 12.28 12.83
CA VAL B 296 -8.76 12.58 14.26
C VAL B 296 -9.35 11.40 15.06
N LEU B 297 -10.42 10.82 14.56
CA LEU B 297 -11.01 9.64 15.20
C LEU B 297 -10.00 8.50 15.33
N ALA B 298 -9.12 8.37 14.34
CA ALA B 298 -8.07 7.35 14.37
C ALA B 298 -6.96 7.67 15.37
N GLY B 299 -6.85 8.94 15.75
CA GLY B 299 -5.84 9.36 16.70
C GLY B 299 -5.06 10.62 16.39
N ALA B 300 -5.29 11.24 15.24
CA ALA B 300 -4.49 12.40 14.83
C ALA B 300 -4.70 13.65 15.68
N SER B 301 -3.60 14.33 15.96
CA SER B 301 -3.60 15.66 16.58
C SER B 301 -3.59 16.75 15.50
N MET B 302 -2.61 16.71 14.60
CA MET B 302 -2.61 17.60 13.44
C MET B 302 -3.00 16.78 12.21
N VAL B 303 -3.48 17.46 11.18
CA VAL B 303 -3.92 16.79 9.95
C VAL B 303 -3.27 17.50 8.77
N GLN B 304 -2.42 16.79 8.05
CA GLN B 304 -1.69 17.37 6.91
C GLN B 304 -2.39 17.07 5.59
N VAL B 305 -2.31 18.01 4.67
CA VAL B 305 -3.01 17.94 3.39
C VAL B 305 -2.00 18.08 2.26
N GLY B 306 -1.95 17.07 1.38
CA GLY B 306 -0.96 17.01 0.29
C GLY B 306 -1.61 17.19 -1.06
N THR B 307 -1.94 16.06 -1.68
CA THR B 307 -2.57 16.05 -3.01
C THR B 307 -3.71 17.05 -3.16
N ALA B 308 -4.65 17.08 -2.22
CA ALA B 308 -5.77 17.99 -2.34
C ALA B 308 -5.35 19.46 -2.35
N LEU B 309 -4.32 19.78 -1.55
CA LEU B 309 -3.77 21.14 -1.50
C LEU B 309 -3.05 21.47 -2.81
N GLN B 310 -2.32 20.51 -3.35
CA GLN B 310 -1.65 20.70 -4.63
C GLN B 310 -2.66 21.07 -5.72
N GLU B 311 -3.84 20.47 -5.67
CA GLU B 311 -4.82 20.69 -6.71
C GLU B 311 -5.69 21.94 -6.51
N GLU B 312 -5.83 22.38 -5.26
CA GLU B 312 -6.76 23.46 -4.94
C GLU B 312 -6.11 24.76 -4.48
N GLY B 313 -4.89 24.70 -3.98
CA GLY B 313 -4.22 25.88 -3.44
C GLY B 313 -4.60 26.13 -1.98
N PRO B 314 -3.92 27.08 -1.33
CA PRO B 314 -4.08 27.32 0.09
C PRO B 314 -5.49 27.74 0.54
N SER B 315 -6.33 28.13 -0.41
CA SER B 315 -7.72 28.46 -0.09
C SER B 315 -8.44 27.24 0.49
N ILE B 316 -7.90 26.05 0.23
CA ILE B 316 -8.50 24.82 0.73
C ILE B 316 -8.66 24.84 2.26
N PHE B 317 -7.80 25.56 2.97
CA PHE B 317 -7.86 25.52 4.44
C PHE B 317 -9.11 26.20 5.00
N GLU B 318 -9.58 27.24 4.31
CA GLU B 318 -10.85 27.87 4.67
C GLU B 318 -11.99 26.87 4.54
N ARG B 319 -11.98 26.10 3.45
CA ARG B 319 -13.01 25.11 3.21
C ARG B 319 -12.94 23.98 4.24
N LEU B 320 -11.72 23.50 4.51
CA LEU B 320 -11.57 22.37 5.42
C LEU B 320 -11.96 22.70 6.85
N THR B 321 -11.60 23.90 7.32
CA THR B 321 -11.97 24.29 8.69
C THR B 321 -13.49 24.39 8.76
N SER B 322 -14.10 25.01 7.75
CA SER B 322 -15.56 25.12 7.69
C SER B 322 -16.23 23.74 7.69
N GLU B 323 -15.76 22.84 6.84
CA GLU B 323 -16.33 21.50 6.74
C GLU B 323 -16.16 20.69 8.02
N LEU B 324 -15.00 20.78 8.66
CA LEU B 324 -14.75 20.00 9.87
C LEU B 324 -15.68 20.49 10.98
N LEU B 325 -15.84 21.81 11.08
CA LEU B 325 -16.78 22.37 12.05
C LEU B 325 -18.21 21.91 11.76
N GLY B 326 -18.58 21.86 10.48
CA GLY B 326 -19.88 21.37 10.06
C GLY B 326 -20.09 19.92 10.48
N VAL B 327 -19.10 19.08 10.23
CA VAL B 327 -19.16 17.66 10.61
C VAL B 327 -19.33 17.55 12.12
N MET B 328 -18.54 18.33 12.86
CA MET B 328 -18.59 18.32 14.31
C MET B 328 -19.94 18.80 14.82
N ALA B 329 -20.49 19.85 14.21
CA ALA B 329 -21.78 20.36 14.65
C ALA B 329 -22.88 19.32 14.45
N LYS B 330 -22.90 18.66 13.29
CA LYS B 330 -23.90 17.63 13.01
C LYS B 330 -23.78 16.46 13.99
N LYS B 331 -22.57 16.20 14.46
CA LYS B 331 -22.29 15.08 15.36
C LYS B 331 -22.32 15.48 16.83
N ARG B 332 -22.57 16.77 17.08
CA ARG B 332 -22.64 17.30 18.43
C ARG B 332 -21.31 17.17 19.20
N TYR B 333 -20.20 17.50 18.53
CA TYR B 333 -18.89 17.58 19.18
C TYR B 333 -18.45 19.04 19.19
N GLN B 334 -17.94 19.50 20.33
CA GLN B 334 -17.50 20.90 20.42
C GLN B 334 -16.00 21.05 20.23
N THR B 335 -15.23 20.02 20.58
CA THR B 335 -13.78 20.06 20.52
C THR B 335 -13.21 18.76 19.96
N LEU B 336 -11.97 18.82 19.49
CA LEU B 336 -11.34 17.63 18.92
C LEU B 336 -11.01 16.57 19.96
N ASP B 337 -10.74 16.98 21.19
CA ASP B 337 -10.37 16.03 22.24
C ASP B 337 -11.52 15.11 22.62
N GLU B 338 -12.74 15.50 22.29
CA GLU B 338 -13.91 14.68 22.60
C GLU B 338 -13.95 13.39 21.80
N PHE B 339 -13.27 13.37 20.65
CA PHE B 339 -13.32 12.16 19.82
C PHE B 339 -11.98 11.69 19.29
N ARG B 340 -10.90 12.41 19.59
CA ARG B 340 -9.57 11.99 19.13
C ARG B 340 -9.23 10.59 19.63
N GLY B 341 -8.94 9.68 18.69
CA GLY B 341 -8.54 8.33 19.06
C GLY B 341 -9.68 7.44 19.53
N LYS B 342 -10.92 7.93 19.41
CA LYS B 342 -12.07 7.18 19.96
C LYS B 342 -12.79 6.28 18.96
N VAL B 343 -12.16 5.97 17.84
CA VAL B 343 -12.77 5.04 16.88
C VAL B 343 -13.23 3.77 17.60
N ARG B 344 -14.46 3.37 17.33
CA ARG B 344 -15.04 2.20 17.97
C ARG B 344 -14.71 0.92 17.22
N THR B 345 -14.25 -0.09 17.95
CA THR B 345 -14.02 -1.42 17.36
C THR B 345 -15.21 -2.33 17.65
N LEU B 346 -15.30 -3.43 16.91
CA LEU B 346 -16.45 -4.34 16.99
C LEU B 346 -16.06 -5.60 17.73
#